data_2Q0Z
#
_entry.id   2Q0Z
#
_cell.length_a   94.550
_cell.length_b   94.550
_cell.length_c   74.109
_cell.angle_alpha   90.000
_cell.angle_beta   90.000
_cell.angle_gamma   120.000
#
_symmetry.space_group_name_H-M   'P 31 2 1'
#
loop_
_entity.id
_entity.type
_entity.pdbx_description
1 polymer 'Protein PRO2281'
2 water water
#
_entity_poly.entity_id   1
_entity_poly.type   'polypeptide(L)'
_entity_poly.pdbx_seq_one_letter_code
;(MSE)GHHHHHHSH(MSE)DVAPLNLG(MSE)IAAYYYINYTTIELFS(MSE)SLNAKTKVRGLIEIISNAAEYENIPIR
HHEDNLLRQLAQKVPHKLNNPKFNDPHVKTNLLLQAHLSR(MSE)QLSAELQSDTEEILSKAIRLIQACVDVLSSNGWLS
PALAA(MSE)ELAQ(MSE)VTQA(MSE)WSKDSYLKQLPHFTSEHIKRCTDKGVESVFDI(MSE)E(MSE)EDEERNALL
QLTDSQIADVARFCNRYPNIELSYEVVDKDSIRSGGPVVVLVQLEREEEVTGPVIAPLFPQKREEGWWVVIGDAKSNSLI
SIKRLTLQQKAKVKLDFVAPATGAHNYTLYF(MSE)SDAY(MSE)GCDQEYKFSVDVKEAETDSDSD
;
_entity_poly.pdbx_strand_id   X
#
# COMPACT_ATOMS: atom_id res chain seq x y z
N THR A 43 12.07 -4.26 -10.62
CA THR A 43 11.74 -2.96 -9.98
C THR A 43 11.59 -3.14 -8.46
N LYS A 44 12.56 -2.61 -7.72
CA LYS A 44 12.55 -2.71 -6.26
C LYS A 44 11.95 -1.45 -5.66
N VAL A 45 11.67 -1.48 -4.36
CA VAL A 45 11.09 -0.33 -3.70
C VAL A 45 11.99 0.87 -3.89
N ARG A 46 13.29 0.63 -3.81
CA ARG A 46 14.29 1.67 -4.01
C ARG A 46 14.03 2.39 -5.35
N GLY A 47 13.90 1.60 -6.42
CA GLY A 47 13.64 2.15 -7.74
C GLY A 47 12.34 2.92 -7.78
N LEU A 48 11.30 2.43 -7.11
CA LEU A 48 10.02 3.13 -7.11
C LEU A 48 10.12 4.47 -6.39
N ILE A 49 10.87 4.49 -5.29
CA ILE A 49 11.03 5.73 -4.55
C ILE A 49 11.80 6.72 -5.41
N GLU A 50 12.75 6.21 -6.18
CA GLU A 50 13.53 7.08 -7.06
C GLU A 50 12.63 7.68 -8.15
N ILE A 51 11.69 6.89 -8.66
CA ILE A 51 10.78 7.38 -9.70
C ILE A 51 9.92 8.53 -9.14
N ILE A 52 9.49 8.39 -7.90
CA ILE A 52 8.67 9.42 -7.28
C ILE A 52 9.47 10.68 -6.97
N SER A 53 10.65 10.51 -6.38
CA SER A 53 11.47 11.66 -6.03
C SER A 53 12.11 12.37 -7.23
N ASN A 54 12.21 11.69 -8.37
CA ASN A 54 12.79 12.31 -9.56
C ASN A 54 11.74 13.12 -10.35
N ALA A 55 10.49 13.11 -9.89
CA ALA A 55 9.42 13.83 -10.57
C ALA A 55 9.69 15.33 -10.72
N ALA A 56 9.16 15.90 -11.80
CA ALA A 56 9.33 17.32 -12.08
C ALA A 56 8.61 18.16 -11.04
N GLU A 57 7.68 17.53 -10.35
CA GLU A 57 6.92 18.21 -9.33
C GLU A 57 7.80 18.62 -8.13
N TYR A 58 8.93 17.93 -7.95
CA TYR A 58 9.85 18.22 -6.85
C TYR A 58 11.07 19.03 -7.30
N GLU A 59 10.99 19.61 -8.49
CA GLU A 59 12.08 20.38 -9.04
C GLU A 59 12.37 21.61 -8.20
N ASN A 60 11.43 21.99 -7.35
CA ASN A 60 11.64 23.18 -6.53
C ASN A 60 11.56 22.98 -5.03
N ILE A 61 11.95 21.79 -4.56
CA ILE A 61 11.96 21.56 -3.13
C ILE A 61 13.11 22.39 -2.56
N PRO A 62 12.87 23.12 -1.46
CA PRO A 62 13.89 23.95 -0.84
C PRO A 62 15.27 23.32 -0.59
N ILE A 63 16.31 24.01 -1.08
CA ILE A 63 17.71 23.62 -0.85
C ILE A 63 18.30 24.68 0.08
N ARG A 64 18.60 24.30 1.32
CA ARG A 64 19.07 25.25 2.31
C ARG A 64 20.55 25.26 2.57
N HIS A 65 21.04 26.42 2.99
CA HIS A 65 22.40 26.54 3.48
C HIS A 65 22.40 25.87 4.86
N HIS A 66 23.39 25.00 5.07
CA HIS A 66 23.58 24.45 6.38
C HIS A 66 22.73 23.28 6.76
N GLU A 67 22.19 22.62 5.75
CA GLU A 67 21.48 21.40 6.07
C GLU A 67 22.30 20.18 5.67
N ASP A 68 23.36 20.37 4.87
CA ASP A 68 24.06 19.22 4.32
C ASP A 68 24.45 18.25 5.36
N ASN A 69 24.71 18.79 6.54
CA ASN A 69 25.13 17.97 7.64
C ASN A 69 24.10 16.90 7.96
N LEU A 70 22.89 17.35 8.29
CA LEU A 70 21.79 16.44 8.60
C LEU A 70 21.61 15.49 7.42
N LEU A 71 21.65 16.04 6.21
CA LEU A 71 21.42 15.24 5.00
C LEU A 71 22.47 14.18 4.76
N ARG A 72 23.72 14.58 5.01
CA ARG A 72 24.85 13.68 4.89
C ARG A 72 24.66 12.53 5.86
N GLN A 73 24.15 12.83 7.06
CA GLN A 73 23.99 11.79 8.07
C GLN A 73 22.77 10.98 7.77
N LEU A 74 21.67 11.67 7.51
CA LEU A 74 20.44 11.04 7.04
C LEU A 74 20.84 10.02 5.95
N ALA A 75 21.63 10.46 4.97
CA ALA A 75 22.07 9.61 3.88
C ALA A 75 22.83 8.40 4.39
N GLN A 76 23.37 8.50 5.59
CA GLN A 76 24.11 7.40 6.16
C GLN A 76 23.20 6.36 6.83
N LYS A 77 22.05 6.83 7.29
CA LYS A 77 21.09 6.03 8.05
C LYS A 77 19.92 5.40 7.32
N VAL A 78 19.42 6.06 6.29
CA VAL A 78 18.29 5.52 5.53
C VAL A 78 18.61 4.12 5.03
N PRO A 79 17.58 3.27 4.90
CA PRO A 79 17.69 1.88 4.43
C PRO A 79 18.30 1.71 3.04
N HIS A 80 18.11 2.69 2.15
CA HIS A 80 18.65 2.59 0.80
C HIS A 80 19.65 3.70 0.52
N LYS A 81 20.91 3.40 0.75
CA LYS A 81 21.95 4.40 0.61
C LYS A 81 22.12 4.91 -0.79
N LEU A 82 22.30 6.22 -0.91
CA LEU A 82 22.46 6.87 -2.21
C LEU A 82 23.92 6.99 -2.58
N ASN A 83 24.17 6.99 -3.88
CA ASN A 83 25.52 7.01 -4.36
C ASN A 83 26.33 8.27 -4.40
N ASN A 84 26.08 9.15 -5.34
CA ASN A 84 26.99 10.33 -5.55
C ASN A 84 26.46 11.45 -4.73
N PRO A 85 25.55 10.97 -3.80
CA PRO A 85 24.82 12.14 -3.35
C PRO A 85 25.10 13.52 -3.54
N LYS A 86 24.34 14.20 -4.42
CA LYS A 86 24.52 15.65 -4.58
C LYS A 86 23.52 16.36 -3.65
N PHE A 87 23.93 16.69 -2.43
CA PHE A 87 23.07 17.37 -1.46
C PHE A 87 22.68 18.80 -1.84
N ASN A 88 22.54 19.03 -3.14
CA ASN A 88 22.15 20.32 -3.67
C ASN A 88 21.03 20.08 -4.68
N ASP A 89 20.77 18.80 -4.90
CA ASP A 89 19.76 18.35 -5.84
C ASP A 89 18.45 18.18 -5.09
N PRO A 90 17.41 18.92 -5.48
CA PRO A 90 16.13 18.80 -4.80
C PRO A 90 15.61 17.36 -4.85
N HIS A 91 15.94 16.63 -5.91
CA HIS A 91 15.50 15.26 -6.05
C HIS A 91 16.24 14.33 -5.09
N VAL A 92 17.47 14.67 -4.76
CA VAL A 92 18.23 13.86 -3.82
C VAL A 92 17.64 14.09 -2.43
N LYS A 93 17.43 15.35 -2.08
CA LYS A 93 16.83 15.69 -0.81
C LYS A 93 15.48 15.01 -0.65
N THR A 94 14.67 15.07 -1.71
CA THR A 94 13.35 14.46 -1.69
C THR A 94 13.41 12.96 -1.44
N ASN A 95 14.40 12.29 -2.04
CA ASN A 95 14.56 10.85 -1.86
C ASN A 95 14.89 10.52 -0.41
N LEU A 96 15.78 11.31 0.20
CA LEU A 96 16.16 11.07 1.58
C LEU A 96 15.00 11.35 2.54
N LEU A 97 14.26 12.44 2.31
CA LEU A 97 13.14 12.79 3.18
C LEU A 97 12.02 11.76 3.07
N LEU A 98 11.88 11.14 1.91
CA LEU A 98 10.84 10.12 1.74
C LEU A 98 11.24 8.90 2.55
N GLN A 99 12.52 8.51 2.50
CA GLN A 99 12.98 7.35 3.24
C GLN A 99 12.90 7.62 4.74
N ALA A 100 13.23 8.84 5.14
CA ALA A 100 13.20 9.23 6.54
C ALA A 100 11.77 9.13 7.06
N HIS A 101 10.81 9.51 6.22
CA HIS A 101 9.40 9.47 6.56
C HIS A 101 8.98 8.02 6.80
N LEU A 102 9.37 7.14 5.87
CA LEU A 102 9.05 5.72 5.97
C LEU A 102 9.68 5.07 7.19
N SER A 103 10.85 5.58 7.59
CA SER A 103 11.54 5.04 8.75
C SER A 103 11.17 5.81 10.02
N ARG A 104 10.33 6.83 9.87
CA ARG A 104 9.90 7.66 10.99
C ARG A 104 11.10 8.16 11.78
N MSE A 105 12.02 8.83 11.10
CA MSE A 105 13.21 9.35 11.75
C MSE A 105 13.01 10.78 12.21
O MSE A 105 12.19 11.52 11.67
CB MSE A 105 14.41 9.28 10.81
CG MSE A 105 14.61 7.92 10.17
SE MSE A 105 16.15 7.89 9.02
CE MSE A 105 16.83 6.13 9.47
N GLN A 106 13.80 11.16 13.21
CA GLN A 106 13.80 12.51 13.75
C GLN A 106 14.37 13.53 12.78
N LEU A 107 13.61 14.58 12.50
CA LEU A 107 14.10 15.68 11.66
C LEU A 107 13.89 17.07 12.26
N SER A 108 14.70 18.00 11.77
CA SER A 108 14.59 19.41 12.14
C SER A 108 13.24 19.95 11.69
N ALA A 109 12.77 20.97 12.40
CA ALA A 109 11.49 21.57 12.10
C ALA A 109 11.40 21.92 10.62
N GLU A 110 12.48 22.47 10.09
CA GLU A 110 12.54 22.87 8.70
C GLU A 110 12.42 21.67 7.78
N LEU A 111 13.20 20.63 8.07
CA LEU A 111 13.15 19.43 7.27
C LEU A 111 11.77 18.78 7.37
N GLN A 112 11.14 18.90 8.53
CA GLN A 112 9.82 18.33 8.72
C GLN A 112 8.82 19.07 7.83
N SER A 113 9.03 20.37 7.67
CA SER A 113 8.17 21.18 6.84
C SER A 113 8.37 20.82 5.37
N ASP A 114 9.62 20.58 5.00
CA ASP A 114 9.91 20.20 3.62
C ASP A 114 9.23 18.85 3.34
N THR A 115 9.31 17.95 4.31
CA THR A 115 8.71 16.61 4.19
C THR A 115 7.20 16.71 3.97
N GLU A 116 6.58 17.64 4.67
CA GLU A 116 5.13 17.82 4.55
C GLU A 116 4.79 18.27 3.14
N GLU A 117 5.65 19.10 2.56
CA GLU A 117 5.41 19.58 1.21
C GLU A 117 5.52 18.44 0.22
N ILE A 118 6.58 17.64 0.34
CA ILE A 118 6.80 16.50 -0.51
C ILE A 118 5.59 15.56 -0.43
N LEU A 119 5.20 15.26 0.80
CA LEU A 119 4.08 14.35 1.04
C LEU A 119 2.78 14.80 0.41
N SER A 120 2.55 16.12 0.34
CA SER A 120 1.31 16.63 -0.24
C SER A 120 1.17 16.36 -1.74
N LYS A 121 2.26 15.97 -2.39
CA LYS A 121 2.22 15.69 -3.83
C LYS A 121 2.47 14.23 -4.12
N ALA A 122 2.91 13.48 -3.11
CA ALA A 122 3.26 12.08 -3.27
C ALA A 122 2.18 11.09 -3.73
N ILE A 123 1.01 11.09 -3.09
CA ILE A 123 -0.01 10.14 -3.49
C ILE A 123 -0.37 10.24 -4.97
N ARG A 124 -0.67 11.45 -5.43
CA ARG A 124 -1.02 11.63 -6.83
C ARG A 124 0.10 11.12 -7.74
N LEU A 125 1.35 11.33 -7.35
CA LEU A 125 2.47 10.85 -8.17
C LEU A 125 2.54 9.32 -8.16
N ILE A 126 2.30 8.73 -7.00
CA ILE A 126 2.34 7.27 -6.89
C ILE A 126 1.22 6.65 -7.72
N GLN A 127 0.04 7.26 -7.68
CA GLN A 127 -1.08 6.75 -8.47
C GLN A 127 -0.75 6.79 -9.95
N ALA A 128 -0.10 7.87 -10.40
CA ALA A 128 0.28 8.02 -11.80
C ALA A 128 1.28 6.92 -12.16
N CYS A 129 2.19 6.63 -11.22
CA CYS A 129 3.20 5.59 -11.42
C CYS A 129 2.52 4.24 -11.59
N VAL A 130 1.51 3.96 -10.76
CA VAL A 130 0.78 2.71 -10.85
C VAL A 130 0.11 2.64 -12.22
N ASP A 131 -0.53 3.74 -12.63
CA ASP A 131 -1.17 3.85 -13.94
C ASP A 131 -0.18 3.45 -15.07
N VAL A 132 1.02 4.01 -15.04
CA VAL A 132 2.04 3.72 -16.06
C VAL A 132 2.50 2.27 -16.07
N LEU A 133 2.89 1.77 -14.91
CA LEU A 133 3.36 0.39 -14.79
C LEU A 133 2.29 -0.63 -15.15
N SER A 134 1.05 -0.37 -14.74
CA SER A 134 -0.04 -1.31 -15.04
C SER A 134 -0.46 -1.21 -16.51
N SER A 135 -0.44 0.00 -17.06
CA SER A 135 -0.82 0.15 -18.46
C SER A 135 0.16 -0.61 -19.35
N ASN A 136 1.43 -0.62 -18.94
CA ASN A 136 2.47 -1.31 -19.69
C ASN A 136 2.44 -2.82 -19.46
N GLY A 137 1.57 -3.27 -18.56
CA GLY A 137 1.44 -4.70 -18.28
C GLY A 137 2.42 -5.31 -17.29
N TRP A 138 3.16 -4.48 -16.56
CA TRP A 138 4.14 -4.99 -15.58
C TRP A 138 3.49 -5.24 -14.21
N LEU A 139 3.18 -6.51 -13.95
CA LEU A 139 2.47 -6.90 -12.75
C LEU A 139 3.15 -6.60 -11.41
N SER A 140 4.31 -7.19 -11.18
CA SER A 140 5.07 -6.99 -9.93
C SER A 140 5.37 -5.53 -9.62
N PRO A 141 5.87 -4.78 -10.61
CA PRO A 141 6.20 -3.37 -10.40
C PRO A 141 4.93 -2.58 -10.04
N ALA A 142 3.84 -2.89 -10.73
CA ALA A 142 2.57 -2.21 -10.48
C ALA A 142 2.04 -2.51 -9.08
N LEU A 143 2.17 -3.76 -8.64
CA LEU A 143 1.69 -4.14 -7.31
C LEU A 143 2.58 -3.49 -6.24
N ALA A 144 3.88 -3.43 -6.51
CA ALA A 144 4.81 -2.81 -5.56
C ALA A 144 4.50 -1.33 -5.42
N ALA A 145 4.15 -0.67 -6.54
CA ALA A 145 3.84 0.75 -6.52
C ALA A 145 2.55 0.98 -5.74
N MSE A 146 1.63 0.02 -5.80
CA MSE A 146 0.39 0.15 -5.05
C MSE A 146 0.72 0.08 -3.56
O MSE A 146 0.17 0.84 -2.76
CB MSE A 146 -0.58 -0.97 -5.45
CG MSE A 146 -1.18 -0.76 -6.83
SE MSE A 146 -2.28 -2.26 -7.42
CE MSE A 146 -1.62 -2.39 -9.25
N GLU A 147 1.62 -0.82 -3.18
CA GLU A 147 2.02 -0.95 -1.79
C GLU A 147 2.75 0.31 -1.32
N LEU A 148 3.46 0.97 -2.23
CA LEU A 148 4.18 2.18 -1.86
C LEU A 148 3.20 3.26 -1.40
N ALA A 149 2.01 3.28 -2.01
CA ALA A 149 1.01 4.27 -1.63
C ALA A 149 0.59 4.01 -0.17
N GLN A 150 0.47 2.73 0.18
CA GLN A 150 0.11 2.33 1.53
C GLN A 150 1.26 2.73 2.47
N MSE A 151 2.49 2.43 2.05
CA MSE A 151 3.69 2.74 2.83
C MSE A 151 3.82 4.22 3.17
O MSE A 151 4.07 4.59 4.32
CB MSE A 151 4.94 2.28 2.06
CG MSE A 151 5.12 0.76 2.04
SE MSE A 151 6.48 0.20 0.77
CE MSE A 151 7.93 1.32 1.34
N VAL A 152 3.65 5.07 2.16
CA VAL A 152 3.76 6.52 2.35
C VAL A 152 2.65 7.00 3.28
N THR A 153 1.44 6.45 3.11
CA THR A 153 0.32 6.83 3.95
C THR A 153 0.52 6.43 5.41
N GLN A 154 0.91 5.19 5.64
CA GLN A 154 1.11 4.70 7.00
C GLN A 154 2.51 4.94 7.57
N ALA A 155 3.40 5.52 6.77
CA ALA A 155 4.77 5.80 7.19
C ALA A 155 5.46 4.52 7.67
N MSE A 156 5.68 3.60 6.74
CA MSE A 156 6.33 2.33 7.08
C MSE A 156 6.87 1.65 5.82
O MSE A 156 6.48 1.98 4.71
CB MSE A 156 5.33 1.40 7.76
CG MSE A 156 4.02 1.20 6.99
SE MSE A 156 2.81 -0.09 7.78
CE MSE A 156 2.76 0.60 9.57
N TRP A 157 7.77 0.70 6.03
CA TRP A 157 8.36 -0.04 4.93
C TRP A 157 7.61 -1.34 4.70
N SER A 158 7.69 -1.86 3.48
CA SER A 158 7.00 -3.09 3.12
C SER A 158 7.40 -4.26 4.01
N LYS A 159 8.64 -4.26 4.50
CA LYS A 159 9.10 -5.33 5.38
C LYS A 159 8.58 -5.20 6.82
N ASP A 160 8.06 -4.03 7.19
CA ASP A 160 7.57 -3.85 8.56
C ASP A 160 6.29 -4.61 8.87
N SER A 161 6.09 -4.91 10.15
CA SER A 161 4.90 -5.61 10.59
C SER A 161 3.69 -4.70 10.35
N TYR A 162 2.56 -5.29 9.99
CA TYR A 162 1.34 -4.51 9.76
C TYR A 162 0.88 -3.82 11.04
N LEU A 163 1.32 -4.33 12.19
CA LEU A 163 0.96 -3.75 13.48
C LEU A 163 1.60 -2.38 13.74
N LYS A 164 2.57 -2.00 12.91
CA LYS A 164 3.19 -0.68 13.01
C LYS A 164 2.15 0.45 12.72
N GLN A 165 1.01 0.10 12.11
CA GLN A 165 -0.06 1.06 11.83
C GLN A 165 -0.85 1.49 13.09
N LEU A 166 -0.92 0.60 14.08
CA LEU A 166 -1.68 0.85 15.29
C LEU A 166 -1.06 1.89 16.18
N PRO A 167 -1.88 2.79 16.67
CA PRO A 167 -1.37 3.84 17.54
C PRO A 167 -0.73 3.28 18.81
N HIS A 168 0.36 3.92 19.24
CA HIS A 168 1.09 3.52 20.45
C HIS A 168 1.88 2.24 20.33
N PHE A 169 1.81 1.57 19.19
CA PHE A 169 2.59 0.35 19.02
C PHE A 169 4.04 0.69 18.74
N THR A 170 4.93 0.22 19.60
CA THR A 170 6.35 0.47 19.44
C THR A 170 7.00 -0.79 18.93
N SER A 171 8.31 -0.71 18.74
CA SER A 171 9.05 -1.84 18.29
C SER A 171 8.90 -3.04 19.24
N GLU A 172 8.91 -2.78 20.55
CA GLU A 172 8.79 -3.88 21.49
C GLU A 172 7.41 -4.52 21.34
N HIS A 173 6.37 -3.72 21.06
CA HIS A 173 5.03 -4.26 20.89
C HIS A 173 5.08 -5.23 19.75
N ILE A 174 5.68 -4.74 18.69
CA ILE A 174 5.75 -5.56 17.54
C ILE A 174 6.58 -6.82 17.80
N LYS A 175 7.69 -6.69 18.55
CA LYS A 175 8.52 -7.86 18.78
C LYS A 175 7.73 -8.89 19.57
N ARG A 176 7.01 -8.45 20.59
CA ARG A 176 6.23 -9.35 21.42
C ARG A 176 5.06 -9.97 20.67
N CYS A 177 4.46 -9.21 19.77
CA CYS A 177 3.35 -9.76 19.00
C CYS A 177 3.90 -10.84 18.08
N THR A 178 4.97 -10.53 17.36
CA THR A 178 5.61 -11.48 16.45
C THR A 178 6.07 -12.73 17.21
N ASP A 179 6.62 -12.53 18.40
CA ASP A 179 7.07 -13.65 19.21
C ASP A 179 5.90 -14.55 19.51
N LYS A 180 4.72 -13.99 19.54
CA LYS A 180 3.55 -14.73 19.91
C LYS A 180 2.77 -15.27 18.72
N GLY A 181 3.25 -14.96 17.52
CA GLY A 181 2.49 -15.36 16.35
C GLY A 181 1.29 -14.45 16.06
N VAL A 182 1.28 -13.23 16.61
CA VAL A 182 0.22 -12.28 16.33
C VAL A 182 0.82 -11.36 15.26
N GLU A 183 0.21 -11.36 14.07
CA GLU A 183 0.74 -10.60 12.95
C GLU A 183 -0.24 -9.67 12.24
N SER A 184 -1.53 -9.89 12.46
CA SER A 184 -2.53 -9.07 11.82
C SER A 184 -3.36 -8.28 12.80
N VAL A 185 -3.96 -7.23 12.28
CA VAL A 185 -4.81 -6.43 13.11
C VAL A 185 -5.93 -7.32 13.61
N PHE A 186 -6.33 -8.27 12.78
CA PHE A 186 -7.41 -9.13 13.18
C PHE A 186 -6.99 -9.99 14.38
N ASP A 187 -5.72 -10.39 14.43
CA ASP A 187 -5.20 -11.16 15.56
C ASP A 187 -5.30 -10.34 16.85
N ILE A 188 -5.07 -9.04 16.75
CA ILE A 188 -5.13 -8.13 17.89
C ILE A 188 -6.57 -8.00 18.40
N MSE A 189 -7.50 -7.83 17.47
CA MSE A 189 -8.91 -7.68 17.81
C MSE A 189 -9.54 -8.94 18.42
O MSE A 189 -10.48 -8.85 19.20
CB MSE A 189 -9.70 -7.29 16.54
CG MSE A 189 -9.35 -5.93 16.00
SE MSE A 189 -10.35 -5.52 14.38
CE MSE A 189 -12.07 -5.10 15.16
N GLU A 190 -9.02 -10.11 18.06
CA GLU A 190 -9.57 -11.36 18.58
C GLU A 190 -9.23 -11.62 20.05
N MSE A 191 -8.21 -10.93 20.56
CA MSE A 191 -7.81 -11.11 21.95
C MSE A 191 -8.81 -10.55 22.95
O MSE A 191 -9.51 -9.58 22.66
CB MSE A 191 -6.47 -10.43 22.22
CG MSE A 191 -5.36 -10.76 21.26
SE MSE A 191 -3.79 -9.77 21.77
CE MSE A 191 -4.41 -7.98 21.37
N GLU A 192 -8.86 -11.16 24.13
CA GLU A 192 -9.73 -10.67 25.19
C GLU A 192 -8.90 -9.70 26.00
N ASP A 193 -9.54 -8.91 26.86
CA ASP A 193 -8.84 -7.91 27.65
C ASP A 193 -7.60 -8.37 28.41
N GLU A 194 -7.72 -9.46 29.18
CA GLU A 194 -6.60 -9.96 29.97
C GLU A 194 -5.38 -10.25 29.11
N GLU A 195 -5.58 -10.85 27.95
CA GLU A 195 -4.45 -11.15 27.08
C GLU A 195 -3.85 -9.86 26.56
N ARG A 196 -4.73 -8.98 26.09
CA ARG A 196 -4.35 -7.72 25.49
C ARG A 196 -3.63 -6.81 26.45
N ASN A 197 -4.09 -6.75 27.69
CA ASN A 197 -3.47 -5.84 28.63
C ASN A 197 -2.07 -6.33 29.00
N ALA A 198 -1.93 -7.64 29.17
CA ALA A 198 -0.64 -8.23 29.50
C ALA A 198 0.40 -8.00 28.39
N LEU A 199 -0.03 -8.18 27.15
CA LEU A 199 0.83 -8.01 25.99
C LEU A 199 1.12 -6.57 25.61
N LEU A 200 0.09 -5.74 25.52
CA LEU A 200 0.27 -4.36 25.09
C LEU A 200 0.65 -3.38 26.19
N GLN A 201 0.23 -3.67 27.42
CA GLN A 201 0.54 -2.81 28.55
C GLN A 201 0.15 -1.36 28.28
N LEU A 202 -1.05 -1.17 27.74
CA LEU A 202 -1.55 0.16 27.42
C LEU A 202 -2.63 0.65 28.37
N THR A 203 -2.71 1.97 28.54
CA THR A 203 -3.70 2.58 29.41
C THR A 203 -5.06 2.48 28.73
N ASP A 204 -6.13 2.74 29.48
CA ASP A 204 -7.46 2.68 28.90
C ASP A 204 -7.60 3.71 27.78
N SER A 205 -6.94 4.86 27.94
CA SER A 205 -7.00 5.89 26.91
C SER A 205 -6.27 5.46 25.65
N GLN A 206 -5.10 4.84 25.81
CA GLN A 206 -4.34 4.37 24.66
C GLN A 206 -5.12 3.28 23.93
N ILE A 207 -5.77 2.40 24.68
CA ILE A 207 -6.57 1.33 24.09
C ILE A 207 -7.73 1.92 23.28
N ALA A 208 -8.33 2.98 23.80
CA ALA A 208 -9.43 3.62 23.09
C ALA A 208 -8.94 4.09 21.72
N ASP A 209 -7.69 4.54 21.63
CA ASP A 209 -7.15 4.98 20.36
C ASP A 209 -6.97 3.78 19.44
N VAL A 210 -6.46 2.69 20.01
CA VAL A 210 -6.28 1.45 19.26
C VAL A 210 -7.63 0.96 18.74
N ALA A 211 -8.66 0.99 19.59
CA ALA A 211 -9.99 0.52 19.20
C ALA A 211 -10.52 1.31 18.02
N ARG A 212 -10.35 2.63 18.06
CA ARG A 212 -10.75 3.52 16.98
C ARG A 212 -10.12 3.10 15.64
N PHE A 213 -8.82 2.80 15.64
CA PHE A 213 -8.16 2.39 14.41
C PHE A 213 -8.70 1.04 13.93
N CYS A 214 -8.77 0.07 14.84
CA CYS A 214 -9.24 -1.26 14.51
C CYS A 214 -10.67 -1.27 13.99
N ASN A 215 -11.50 -0.35 14.47
CA ASN A 215 -12.87 -0.34 13.99
C ASN A 215 -13.04 0.26 12.61
N ARG A 216 -11.99 0.87 12.11
CA ARG A 216 -12.04 1.44 10.77
C ARG A 216 -11.11 0.68 9.82
N TYR A 217 -10.33 -0.25 10.37
CA TYR A 217 -9.41 -1.03 9.55
C TYR A 217 -10.20 -1.95 8.62
N PRO A 218 -9.92 -1.88 7.30
CA PRO A 218 -10.63 -2.70 6.31
C PRO A 218 -10.66 -4.19 6.59
N ASN A 219 -11.88 -4.73 6.68
CA ASN A 219 -12.14 -6.14 6.91
C ASN A 219 -13.23 -6.41 5.87
N ILE A 220 -12.80 -6.56 4.62
CA ILE A 220 -13.68 -6.75 3.48
C ILE A 220 -13.85 -8.18 2.98
N GLU A 221 -15.09 -8.57 2.72
CA GLU A 221 -15.37 -9.90 2.16
C GLU A 221 -15.42 -9.71 0.66
N LEU A 222 -14.54 -10.41 -0.06
CA LEU A 222 -14.50 -10.31 -1.52
C LEU A 222 -15.03 -11.61 -2.14
N SER A 223 -16.07 -11.50 -2.96
CA SER A 223 -16.62 -12.66 -3.62
C SER A 223 -16.55 -12.38 -5.12
N TYR A 224 -16.36 -13.39 -5.94
CA TYR A 224 -16.26 -13.15 -7.37
C TYR A 224 -16.86 -14.26 -8.22
N GLU A 225 -17.31 -13.87 -9.41
CA GLU A 225 -17.91 -14.81 -10.32
C GLU A 225 -17.37 -14.66 -11.73
N VAL A 226 -16.97 -15.78 -12.32
CA VAL A 226 -16.51 -15.76 -13.70
C VAL A 226 -17.83 -15.95 -14.43
N VAL A 227 -18.30 -14.89 -15.07
CA VAL A 227 -19.57 -14.92 -15.79
C VAL A 227 -19.60 -16.00 -16.87
N ASP A 228 -20.65 -16.82 -16.83
CA ASP A 228 -20.83 -17.91 -17.79
C ASP A 228 -19.54 -18.68 -18.03
N LYS A 229 -18.99 -19.19 -16.93
CA LYS A 229 -17.76 -19.95 -16.92
C LYS A 229 -17.71 -21.09 -17.96
N ASP A 230 -18.87 -21.63 -18.31
CA ASP A 230 -18.94 -22.73 -19.27
C ASP A 230 -19.09 -22.33 -20.73
N SER A 231 -19.12 -21.02 -21.01
CA SER A 231 -19.27 -20.54 -22.37
C SER A 231 -18.21 -19.54 -22.83
N ILE A 232 -16.99 -19.66 -22.31
CA ILE A 232 -15.93 -18.75 -22.70
C ILE A 232 -15.31 -19.23 -24.01
N ARG A 233 -15.20 -18.33 -24.98
CA ARG A 233 -14.62 -18.68 -26.28
C ARG A 233 -13.38 -17.86 -26.57
N SER A 234 -12.39 -18.51 -27.16
CA SER A 234 -11.10 -17.89 -27.49
C SER A 234 -11.30 -16.57 -28.23
N GLY A 235 -10.64 -15.52 -27.74
CA GLY A 235 -10.75 -14.22 -28.38
C GLY A 235 -11.94 -13.46 -27.84
N GLY A 236 -12.87 -14.19 -27.22
CA GLY A 236 -14.06 -13.57 -26.67
C GLY A 236 -13.79 -12.97 -25.31
N PRO A 237 -14.80 -12.39 -24.66
CA PRO A 237 -14.60 -11.79 -23.34
C PRO A 237 -14.64 -12.75 -22.16
N VAL A 238 -13.79 -12.48 -21.18
CA VAL A 238 -13.79 -13.24 -19.94
C VAL A 238 -14.20 -12.15 -18.96
N VAL A 239 -15.39 -12.27 -18.39
CA VAL A 239 -15.85 -11.25 -17.45
C VAL A 239 -15.80 -11.78 -16.03
N VAL A 240 -15.20 -10.99 -15.14
CA VAL A 240 -15.10 -11.37 -13.74
C VAL A 240 -15.89 -10.32 -12.95
N LEU A 241 -16.96 -10.76 -12.30
CA LEU A 241 -17.80 -9.86 -11.50
C LEU A 241 -17.35 -9.96 -10.04
N VAL A 242 -16.82 -8.87 -9.51
CA VAL A 242 -16.36 -8.88 -8.14
C VAL A 242 -17.29 -8.07 -7.25
N GLN A 243 -17.56 -8.60 -6.07
CA GLN A 243 -18.40 -7.92 -5.11
C GLN A 243 -17.66 -7.78 -3.79
N LEU A 244 -17.68 -6.57 -3.25
CA LEU A 244 -17.00 -6.25 -2.00
C LEU A 244 -18.01 -5.82 -0.94
N GLU A 245 -17.77 -6.22 0.30
CA GLU A 245 -18.65 -5.85 1.40
C GLU A 245 -17.81 -5.59 2.66
N ARG A 246 -17.93 -4.39 3.23
CA ARG A 246 -17.18 -4.05 4.44
C ARG A 246 -17.79 -4.70 5.64
N GLU A 247 -16.97 -5.37 6.43
CA GLU A 247 -17.45 -6.01 7.65
C GLU A 247 -17.09 -5.18 8.89
N GLU A 248 -16.08 -4.34 8.80
CA GLU A 248 -15.70 -3.54 9.97
C GLU A 248 -16.81 -2.53 10.32
N GLU A 249 -16.75 -2.03 11.54
CA GLU A 249 -17.76 -1.12 12.03
C GLU A 249 -17.84 0.27 11.39
N VAL A 250 -16.70 0.91 11.19
CA VAL A 250 -16.69 2.27 10.68
C VAL A 250 -16.20 2.52 9.26
N THR A 251 -16.97 3.32 8.53
CA THR A 251 -16.63 3.72 7.18
C THR A 251 -16.21 5.18 7.30
N GLY A 252 -15.14 5.58 6.62
CA GLY A 252 -14.72 6.97 6.71
C GLY A 252 -13.31 7.18 6.22
N PRO A 253 -12.74 8.39 6.40
CA PRO A 253 -11.38 8.70 5.95
C PRO A 253 -10.32 7.82 6.57
N VAL A 254 -9.20 7.72 5.89
CA VAL A 254 -8.10 6.92 6.37
C VAL A 254 -7.54 7.49 7.67
N ILE A 255 -7.21 6.60 8.61
CA ILE A 255 -6.53 7.04 9.83
C ILE A 255 -5.04 6.85 9.53
N ALA A 256 -4.32 7.97 9.48
CA ALA A 256 -2.90 7.95 9.17
C ALA A 256 -2.30 9.17 9.85
N PRO A 257 -2.00 9.06 11.15
CA PRO A 257 -1.43 10.10 11.99
C PRO A 257 -0.19 10.79 11.43
N LEU A 258 0.58 10.09 10.61
CA LEU A 258 1.80 10.66 10.06
C LEU A 258 1.68 11.21 8.63
N PHE A 259 0.46 11.24 8.09
CA PHE A 259 0.26 11.79 6.75
C PHE A 259 -0.55 13.07 6.95
N PRO A 260 0.04 14.23 6.61
CA PRO A 260 -0.61 15.53 6.75
C PRO A 260 -2.04 15.72 6.25
N GLN A 261 -2.28 15.41 4.98
CA GLN A 261 -3.59 15.61 4.39
C GLN A 261 -4.66 14.56 4.66
N LYS A 262 -5.92 14.99 4.62
CA LYS A 262 -7.06 14.08 4.81
C LYS A 262 -7.06 13.18 3.57
N ARG A 263 -7.18 11.88 3.76
CA ARG A 263 -7.19 10.94 2.65
C ARG A 263 -8.44 10.08 2.62
N GLU A 264 -8.86 9.72 1.41
CA GLU A 264 -9.97 8.80 1.32
C GLU A 264 -9.43 7.42 0.94
N GLU A 265 -10.08 6.40 1.47
CA GLU A 265 -9.71 5.01 1.22
C GLU A 265 -9.88 4.66 -0.25
N GLY A 266 -8.80 4.23 -0.90
CA GLY A 266 -8.89 3.86 -2.30
C GLY A 266 -8.47 2.41 -2.51
N TRP A 267 -9.01 1.78 -3.55
CA TRP A 267 -8.71 0.38 -3.87
C TRP A 267 -8.49 0.14 -5.35
N TRP A 268 -7.78 -0.94 -5.67
CA TRP A 268 -7.55 -1.37 -7.05
C TRP A 268 -7.95 -2.83 -7.07
N VAL A 269 -8.57 -3.27 -8.15
CA VAL A 269 -8.92 -4.66 -8.29
C VAL A 269 -8.12 -4.99 -9.54
N VAL A 270 -7.37 -6.08 -9.50
CA VAL A 270 -6.51 -6.42 -10.61
C VAL A 270 -6.56 -7.89 -10.99
N ILE A 271 -6.44 -8.16 -12.30
CA ILE A 271 -6.36 -9.53 -12.79
C ILE A 271 -5.00 -9.60 -13.48
N GLY A 272 -4.21 -10.62 -13.14
CA GLY A 272 -2.92 -10.76 -13.77
C GLY A 272 -2.47 -12.20 -13.82
N ASP A 273 -1.37 -12.45 -14.53
CA ASP A 273 -0.81 -13.79 -14.63
C ASP A 273 0.49 -13.73 -13.83
N ALA A 274 0.46 -14.25 -12.61
CA ALA A 274 1.63 -14.22 -11.74
C ALA A 274 2.82 -14.97 -12.32
N LYS A 275 2.55 -16.04 -13.06
CA LYS A 275 3.62 -16.83 -13.65
C LYS A 275 4.43 -16.06 -14.69
N SER A 276 3.74 -15.27 -15.51
CA SER A 276 4.42 -14.50 -16.55
C SER A 276 4.63 -13.04 -16.18
N ASN A 277 4.21 -12.65 -14.97
CA ASN A 277 4.34 -11.29 -14.48
C ASN A 277 3.63 -10.27 -15.37
N SER A 278 2.46 -10.66 -15.89
CA SER A 278 1.69 -9.82 -16.77
C SER A 278 0.43 -9.24 -16.10
N LEU A 279 0.25 -7.92 -16.18
CA LEU A 279 -0.94 -7.30 -15.60
C LEU A 279 -1.94 -7.15 -16.73
N ILE A 280 -3.04 -7.88 -16.64
CA ILE A 280 -4.07 -7.91 -17.67
C ILE A 280 -5.20 -6.89 -17.55
N SER A 281 -5.78 -6.77 -16.36
CA SER A 281 -6.88 -5.83 -16.17
C SER A 281 -6.78 -5.13 -14.84
N ILE A 282 -7.20 -3.87 -14.79
CA ILE A 282 -7.15 -3.10 -13.56
C ILE A 282 -8.23 -2.04 -13.51
N LYS A 283 -8.80 -1.85 -12.32
CA LYS A 283 -9.83 -0.85 -12.09
C LYS A 283 -9.64 -0.25 -10.70
N ARG A 284 -9.84 1.05 -10.60
CA ARG A 284 -9.71 1.75 -9.33
C ARG A 284 -11.12 1.95 -8.79
N LEU A 285 -11.29 1.86 -7.47
CA LEU A 285 -12.60 2.09 -6.87
C LEU A 285 -12.56 2.59 -5.42
N THR A 286 -13.68 3.15 -4.99
CA THR A 286 -13.83 3.61 -3.61
C THR A 286 -14.99 2.77 -3.13
N LEU A 287 -14.99 2.40 -1.86
CA LEU A 287 -16.05 1.56 -1.33
C LEU A 287 -16.72 2.07 -0.07
N GLN A 288 -18.04 2.01 -0.05
CA GLN A 288 -18.83 2.40 1.12
C GLN A 288 -19.13 1.09 1.85
N GLN A 289 -20.38 0.64 1.83
CA GLN A 289 -20.75 -0.63 2.48
C GLN A 289 -20.57 -1.81 1.52
N LYS A 290 -21.09 -1.65 0.30
CA LYS A 290 -21.02 -2.68 -0.73
C LYS A 290 -20.72 -2.06 -2.09
N ALA A 291 -20.04 -2.82 -2.94
CA ALA A 291 -19.73 -2.34 -4.28
C ALA A 291 -19.58 -3.52 -5.21
N LYS A 292 -19.87 -3.29 -6.49
CA LYS A 292 -19.74 -4.30 -7.51
C LYS A 292 -18.72 -3.75 -8.51
N VAL A 293 -17.76 -4.57 -8.91
CA VAL A 293 -16.75 -4.15 -9.87
C VAL A 293 -16.65 -5.19 -10.96
N LYS A 294 -16.70 -4.74 -12.22
CA LYS A 294 -16.61 -5.67 -13.33
C LYS A 294 -15.31 -5.50 -14.12
N LEU A 295 -14.58 -6.59 -14.22
CA LEU A 295 -13.34 -6.60 -14.98
C LEU A 295 -13.52 -7.57 -16.14
N ASP A 296 -12.85 -7.30 -17.25
CA ASP A 296 -12.92 -8.18 -18.39
C ASP A 296 -11.59 -8.19 -19.11
N PHE A 297 -11.34 -9.26 -19.86
CA PHE A 297 -10.12 -9.36 -20.65
C PHE A 297 -10.35 -10.35 -21.78
N VAL A 298 -9.50 -10.27 -22.80
CA VAL A 298 -9.62 -11.17 -23.95
C VAL A 298 -9.18 -12.59 -23.58
N ALA A 299 -10.01 -13.58 -23.88
CA ALA A 299 -9.66 -14.97 -23.58
C ALA A 299 -8.55 -15.42 -24.53
N PRO A 300 -7.53 -16.11 -24.00
CA PRO A 300 -6.41 -16.58 -24.82
C PRO A 300 -6.82 -17.79 -25.66
N ALA A 301 -5.84 -18.56 -26.12
CA ALA A 301 -6.11 -19.74 -26.94
C ALA A 301 -6.95 -20.76 -26.16
N THR A 302 -7.71 -21.59 -26.88
CA THR A 302 -8.55 -22.61 -26.24
C THR A 302 -7.71 -23.49 -25.31
N GLY A 303 -8.32 -23.89 -24.20
CA GLY A 303 -7.60 -24.71 -23.24
C GLY A 303 -7.76 -24.14 -21.83
N ALA A 304 -7.07 -24.73 -20.87
CA ALA A 304 -7.14 -24.30 -19.48
C ALA A 304 -6.10 -23.23 -19.15
N HIS A 305 -6.51 -22.21 -18.41
CA HIS A 305 -5.60 -21.12 -18.03
C HIS A 305 -5.79 -20.70 -16.58
N ASN A 306 -4.72 -20.19 -15.97
CA ASN A 306 -4.76 -19.75 -14.59
C ASN A 306 -4.40 -18.28 -14.45
N TYR A 307 -5.09 -17.59 -13.54
CA TYR A 307 -4.79 -16.20 -13.29
C TYR A 307 -4.92 -15.91 -11.80
N THR A 308 -4.59 -14.68 -11.45
CA THR A 308 -4.74 -14.22 -10.10
C THR A 308 -5.53 -12.92 -10.05
N LEU A 309 -6.54 -12.91 -9.17
CA LEU A 309 -7.35 -11.73 -8.89
C LEU A 309 -6.78 -11.09 -7.60
N TYR A 310 -6.42 -9.82 -7.71
CA TYR A 310 -5.85 -9.04 -6.61
C TYR A 310 -6.78 -7.90 -6.18
N PHE A 311 -6.79 -7.60 -4.89
CA PHE A 311 -7.57 -6.48 -4.34
C PHE A 311 -6.54 -5.78 -3.45
N MSE A 312 -6.25 -4.54 -3.84
CA MSE A 312 -5.14 -3.77 -3.28
C MSE A 312 -5.54 -2.43 -2.73
O MSE A 312 -6.23 -1.67 -3.42
CB MSE A 312 -4.12 -3.52 -4.42
CG MSE A 312 -3.60 -4.77 -5.20
SE MSE A 312 -2.58 -6.10 -3.92
CE MSE A 312 -3.69 -8.05 -3.94
N SER A 313 -5.08 -2.14 -1.53
CA SER A 313 -5.35 -0.86 -0.89
C SER A 313 -4.34 0.20 -1.34
N ASP A 314 -4.71 1.47 -1.20
CA ASP A 314 -3.72 2.50 -1.49
C ASP A 314 -3.52 3.32 -0.21
N ALA A 315 -3.96 2.78 0.91
CA ALA A 315 -3.99 3.51 2.18
C ALA A 315 -3.59 2.78 3.44
N TYR A 316 -3.88 1.48 3.49
CA TYR A 316 -3.59 0.65 4.65
C TYR A 316 -2.77 -0.54 4.17
N MSE A 317 -2.03 -1.13 5.10
CA MSE A 317 -1.28 -2.36 4.79
C MSE A 317 -1.85 -3.54 5.57
O MSE A 317 -2.44 -3.39 6.64
CB MSE A 317 0.18 -2.20 5.11
CG MSE A 317 0.85 -1.10 4.34
SE MSE A 317 2.86 -1.40 4.32
CE MSE A 317 2.76 -2.55 2.61
N GLY A 318 -1.67 -4.73 5.01
CA GLY A 318 -2.18 -5.95 5.61
C GLY A 318 -3.58 -6.32 5.14
N CYS A 319 -4.19 -5.46 4.33
CA CYS A 319 -5.56 -5.64 3.84
C CYS A 319 -5.70 -6.18 2.44
N ASP A 320 -4.60 -6.54 1.80
CA ASP A 320 -4.71 -6.95 0.41
C ASP A 320 -5.16 -8.39 0.28
N GLN A 321 -5.82 -8.70 -0.83
CA GLN A 321 -6.28 -10.07 -1.03
C GLN A 321 -5.89 -10.55 -2.42
N GLU A 322 -5.63 -11.84 -2.51
CA GLU A 322 -5.23 -12.49 -3.76
C GLU A 322 -6.00 -13.80 -3.90
N TYR A 323 -6.57 -14.06 -5.08
CA TYR A 323 -7.31 -15.29 -5.33
C TYR A 323 -6.92 -15.85 -6.68
N LYS A 324 -6.34 -17.05 -6.67
CA LYS A 324 -5.92 -17.69 -7.91
C LYS A 324 -7.12 -18.41 -8.51
N PHE A 325 -7.53 -17.98 -9.69
CA PHE A 325 -8.69 -18.61 -10.34
C PHE A 325 -8.34 -19.19 -11.69
N SER A 326 -9.22 -20.01 -12.24
CA SER A 326 -8.95 -20.60 -13.54
C SER A 326 -10.15 -20.52 -14.46
N VAL A 327 -9.88 -20.63 -15.76
CA VAL A 327 -10.92 -20.59 -16.77
C VAL A 327 -10.63 -21.65 -17.83
N ASP A 328 -11.70 -22.13 -18.46
CA ASP A 328 -11.58 -23.11 -19.53
C ASP A 328 -12.07 -22.40 -20.78
N VAL A 329 -11.16 -22.11 -21.70
CA VAL A 329 -11.52 -21.42 -22.92
C VAL A 329 -11.91 -22.41 -24.00
N LYS A 330 -13.13 -22.28 -24.50
CA LYS A 330 -13.53 -23.17 -25.58
C LYS A 330 -13.19 -22.47 -26.92
N GLU A 331 -13.50 -23.20 -27.96
CA GLU A 331 -13.78 -22.77 -29.30
C GLU A 331 -13.66 -23.59 -30.50
N ALA A 332 -12.65 -24.40 -30.32
CA ALA A 332 -11.61 -24.59 -31.37
C ALA A 332 -10.64 -25.41 -30.68
#